data_6M2J
#
_entry.id   6M2J
#
_cell.length_a   49.625
_cell.length_b   74.361
_cell.length_c   155.669
_cell.angle_alpha   90.000
_cell.angle_beta   90.000
_cell.angle_gamma   90.000
#
_symmetry.space_group_name_H-M   'P 21 21 21'
#
loop_
_entity.id
_entity.type
_entity.pdbx_description
1 polymer 'RLA class I histocompatibility antigen, alpha chain 19-1'
2 polymer Beta-2-microglobulin
3 polymer VP60-1
4 water water
#
loop_
_entity_poly.entity_id
_entity_poly.type
_entity_poly.pdbx_seq_one_letter_code
_entity_poly.pdbx_strand_id
1 'polypeptide(L)'
;GSHSMRYFYTSVSRPGLGEPRFIIVGYVDDTQFVRFDSDAASPRMEQRAPWMGQVEPEYWDQQTQIAKDTAQTFRVNLNT
ALRYYNQSAAGSHTFQTMFGCEVWADGRFFHGYRQYAYDGADYIALNEDLRSWTAADTAAQNTQRKWEAAGEAERHRAYL
ERECVEWLRRYLEMGKETLQRADPPKAHVTHHPASDREATLRCWALGFYPAEISLTWQRDGEDQTQDTELVETRPGGDGT
FQKWAAVVVPSGEEQRYTCRVQHEGLPEPLTLTW
;
A
2 'polypeptide(L)'
;MIQRTPKIQVYSRHPAENGKSNFLNCYVSGFHPSDIEVDLLKNGERIEKVEHSDLSFSKDWSFYLLYYTEFTPTEKDEYA
CRVNHVTLSQPKIVKWDRDM
;
B
3 'polypeptide(L)' TLIDLTELI C
#
# COMPACT_ATOMS: atom_id res chain seq x y z
N GLY A 1 15.05 11.15 6.53
CA GLY A 1 15.52 10.20 5.54
C GLY A 1 15.48 10.71 4.10
N SER A 2 15.43 9.78 3.15
CA SER A 2 15.29 10.14 1.75
C SER A 2 13.81 10.35 1.41
N HIS A 3 13.53 10.71 0.17
CA HIS A 3 12.15 10.96 -0.28
C HIS A 3 11.93 10.35 -1.66
N SER A 4 10.66 10.02 -1.93
CA SER A 4 10.32 9.42 -3.22
C SER A 4 8.93 9.85 -3.64
N MET A 5 8.72 9.89 -4.95
CA MET A 5 7.38 9.99 -5.54
C MET A 5 7.13 8.70 -6.31
N ARG A 6 5.98 8.06 -6.04
CA ARG A 6 5.66 6.75 -6.60
C ARG A 6 4.27 6.76 -7.20
N TYR A 7 4.14 6.21 -8.41
CA TYR A 7 2.86 6.03 -9.05
C TYR A 7 2.61 4.55 -9.34
N PHE A 8 1.35 4.16 -9.34
CA PHE A 8 0.92 2.78 -9.58
C PHE A 8 -0.30 2.82 -10.48
N TYR A 9 -0.22 2.18 -11.65
CA TYR A 9 -1.38 1.97 -12.52
C TYR A 9 -1.81 0.51 -12.44
N THR A 10 -3.14 0.31 -12.45
CA THR A 10 -3.77 -1.00 -12.52
C THR A 10 -4.87 -0.99 -13.58
N SER A 11 -4.83 -1.94 -14.49
CA SER A 11 -5.84 -2.09 -15.52
C SER A 11 -6.41 -3.51 -15.41
N VAL A 12 -7.74 -3.62 -15.37
CA VAL A 12 -8.45 -4.89 -15.22
C VAL A 12 -9.52 -5.00 -16.32
N SER A 13 -9.36 -5.96 -17.22
CA SER A 13 -10.40 -6.23 -18.20
C SER A 13 -11.59 -6.94 -17.54
N ARG A 14 -12.76 -6.81 -18.18
CA ARG A 14 -13.95 -7.55 -17.79
C ARG A 14 -14.74 -7.93 -19.03
N PRO A 15 -14.38 -9.05 -19.66
CA PRO A 15 -15.14 -9.55 -20.82
C PRO A 15 -16.63 -9.70 -20.51
N GLY A 16 -17.45 -9.40 -21.51
CA GLY A 16 -18.88 -9.47 -21.36
C GLY A 16 -19.49 -8.26 -20.67
N LEU A 17 -18.70 -7.57 -19.85
CA LEU A 17 -19.20 -6.49 -19.01
C LEU A 17 -18.66 -5.12 -19.42
N GLY A 18 -18.29 -4.95 -20.69
CA GLY A 18 -17.80 -3.66 -21.16
C GLY A 18 -16.31 -3.40 -21.01
N GLU A 19 -15.95 -2.11 -20.79
CA GLU A 19 -14.59 -1.56 -20.86
C GLU A 19 -13.78 -1.91 -19.61
N PRO A 20 -12.45 -1.97 -19.75
CA PRO A 20 -11.59 -2.26 -18.60
C PRO A 20 -11.61 -1.14 -17.57
N ARG A 21 -11.39 -1.51 -16.32
CA ARG A 21 -11.26 -0.55 -15.24
C ARG A 21 -9.80 -0.12 -15.12
N PHE A 22 -9.57 1.16 -14.83
CA PHE A 22 -8.22 1.72 -14.82
C PHE A 22 -8.10 2.63 -13.60
N ILE A 23 -7.14 2.36 -12.71
CA ILE A 23 -6.89 3.10 -11.48
C ILE A 23 -5.45 3.61 -11.47
N ILE A 24 -5.27 4.90 -11.18
CA ILE A 24 -3.96 5.47 -10.84
C ILE A 24 -3.99 5.94 -9.39
N VAL A 25 -2.91 5.66 -8.66
CA VAL A 25 -2.68 6.26 -7.36
C VAL A 25 -1.23 6.74 -7.33
N GLY A 26 -1.01 7.92 -6.79
CA GLY A 26 0.33 8.46 -6.64
C GLY A 26 0.63 8.75 -5.18
N TYR A 27 1.91 8.57 -4.80
CA TYR A 27 2.38 8.76 -3.43
C TYR A 27 3.64 9.65 -3.38
N VAL A 28 3.68 10.56 -2.42
CA VAL A 28 4.93 11.16 -1.96
C VAL A 28 5.24 10.54 -0.60
N ASP A 29 6.34 9.81 -0.53
CA ASP A 29 6.73 9.07 0.67
C ASP A 29 5.55 8.17 1.02
N ASP A 30 5.02 8.23 2.25
CA ASP A 30 3.91 7.37 2.63
C ASP A 30 2.57 8.09 2.60
N THR A 31 2.43 9.09 1.74
CA THR A 31 1.21 9.91 1.67
C THR A 31 0.66 9.87 0.24
N GLN A 32 -0.57 9.38 0.10
CA GLN A 32 -1.22 9.39 -1.18
C GLN A 32 -1.70 10.80 -1.47
N PHE A 33 -1.46 11.28 -2.69
CA PHE A 33 -1.82 12.65 -3.00
C PHE A 33 -2.72 12.84 -4.23
N VAL A 34 -2.74 11.90 -5.20
CA VAL A 34 -3.76 11.92 -6.26
C VAL A 34 -4.37 10.53 -6.46
N ARG A 35 -5.49 10.51 -7.17
CA ARG A 35 -6.06 9.28 -7.68
C ARG A 35 -6.83 9.56 -8.96
N PHE A 36 -6.87 8.56 -9.83
CA PHE A 36 -7.74 8.55 -10.99
C PHE A 36 -8.45 7.20 -11.03
N ASP A 37 -9.77 7.22 -11.13
CA ASP A 37 -10.56 6.01 -11.22
C ASP A 37 -11.50 6.15 -12.42
N SER A 38 -11.33 5.27 -13.42
CA SER A 38 -12.18 5.35 -14.60
C SER A 38 -13.63 4.95 -14.32
N ASP A 39 -13.95 4.44 -13.13
CA ASP A 39 -15.31 4.02 -12.78
C ASP A 39 -16.17 5.23 -12.43
N ALA A 40 -16.53 6.01 -13.46
CA ALA A 40 -17.35 7.19 -13.24
C ALA A 40 -17.79 7.71 -14.60
N ALA A 41 -18.95 8.38 -14.59
CA ALA A 41 -19.53 8.85 -15.83
C ALA A 41 -18.66 9.94 -16.46
N SER A 42 -17.90 10.66 -15.64
CA SER A 42 -16.94 11.64 -16.14
C SER A 42 -15.75 11.65 -15.19
N PRO A 43 -14.81 10.73 -15.37
CA PRO A 43 -13.75 10.55 -14.36
C PRO A 43 -12.76 11.69 -14.36
N ARG A 44 -12.28 12.05 -13.15
CA ARG A 44 -11.33 13.14 -12.98
C ARG A 44 -10.14 12.70 -12.13
N MET A 45 -8.96 13.20 -12.46
CA MET A 45 -7.89 13.16 -11.47
C MET A 45 -8.31 13.99 -10.26
N GLU A 46 -8.13 13.45 -9.05
CA GLU A 46 -8.65 14.04 -7.83
C GLU A 46 -7.59 14.07 -6.75
N GLN A 47 -7.64 15.10 -5.93
CA GLN A 47 -6.68 15.24 -4.85
C GLN A 47 -7.02 14.30 -3.69
N ARG A 48 -5.99 13.74 -3.08
CA ARG A 48 -6.16 12.92 -1.90
C ARG A 48 -5.32 13.40 -0.72
N ALA A 49 -4.80 14.62 -0.77
CA ALA A 49 -3.95 15.18 0.26
C ALA A 49 -4.23 16.68 0.25
N PRO A 50 -4.56 17.28 1.39
CA PRO A 50 -5.06 18.68 1.38
C PRO A 50 -4.07 19.68 0.80
N TRP A 51 -2.77 19.48 0.99
CA TRP A 51 -1.80 20.42 0.45
C TRP A 51 -1.80 20.46 -1.08
N MET A 52 -2.52 19.56 -1.74
CA MET A 52 -2.67 19.67 -3.19
C MET A 52 -3.55 20.83 -3.60
N GLY A 53 -4.19 21.52 -2.66
CA GLY A 53 -4.90 22.75 -3.02
C GLY A 53 -4.02 23.82 -3.62
N GLN A 54 -2.69 23.71 -3.47
CA GLN A 54 -1.77 24.77 -3.88
C GLN A 54 -1.32 24.64 -5.33
N VAL A 55 -1.90 23.71 -6.11
CA VAL A 55 -1.50 23.56 -7.51
C VAL A 55 -2.17 24.64 -8.37
N GLU A 56 -1.58 24.87 -9.54
CA GLU A 56 -2.20 25.75 -10.53
C GLU A 56 -3.59 25.21 -10.91
N PRO A 57 -4.58 26.10 -11.07
CA PRO A 57 -5.96 25.61 -11.38
C PRO A 57 -6.08 24.74 -12.63
N GLU A 58 -5.20 24.88 -13.62
CA GLU A 58 -5.22 24.03 -14.82
C GLU A 58 -4.68 22.63 -14.57
N TYR A 59 -4.24 22.34 -13.34
CA TYR A 59 -3.58 21.07 -13.06
C TYR A 59 -4.54 19.90 -13.24
N TRP A 60 -5.70 19.98 -12.59
CA TRP A 60 -6.64 18.87 -12.62
C TRP A 60 -7.12 18.57 -14.03
N ASP A 61 -7.37 19.60 -14.82
CA ASP A 61 -7.80 19.34 -16.20
C ASP A 61 -6.68 18.68 -16.99
N GLN A 62 -5.45 19.16 -16.84
CA GLN A 62 -4.33 18.57 -17.58
C GLN A 62 -4.12 17.11 -17.19
N GLN A 63 -4.05 16.83 -15.89
CA GLN A 63 -3.79 15.48 -15.43
C GLN A 63 -4.96 14.54 -15.73
N THR A 64 -6.19 15.06 -15.74
CA THR A 64 -7.32 14.23 -16.16
C THR A 64 -7.15 13.76 -17.60
N GLN A 65 -6.71 14.65 -18.50
CA GLN A 65 -6.58 14.24 -19.90
C GLN A 65 -5.46 13.21 -20.07
N ILE A 66 -4.30 13.45 -19.47
CA ILE A 66 -3.21 12.47 -19.54
C ILE A 66 -3.68 11.13 -19.00
N ALA A 67 -4.43 11.15 -17.89
CA ALA A 67 -4.95 9.90 -17.31
C ALA A 67 -5.87 9.17 -18.29
N LYS A 68 -6.79 9.89 -18.95
CA LYS A 68 -7.70 9.26 -19.90
C LYS A 68 -6.96 8.68 -21.11
N ASP A 69 -5.93 9.37 -21.59
CA ASP A 69 -5.12 8.85 -22.67
C ASP A 69 -4.34 7.61 -22.24
N THR A 70 -3.84 7.59 -21.00
CA THR A 70 -3.12 6.42 -20.50
C THR A 70 -4.05 5.23 -20.36
N ALA A 71 -5.27 5.46 -19.87
CA ALA A 71 -6.24 4.38 -19.80
C ALA A 71 -6.46 3.76 -21.17
N GLN A 72 -6.54 4.59 -22.20
CA GLN A 72 -6.74 4.08 -23.55
C GLN A 72 -5.61 3.16 -23.98
N THR A 73 -4.35 3.52 -23.71
CA THR A 73 -3.30 2.61 -24.14
C THR A 73 -3.26 1.35 -23.27
N PHE A 74 -3.69 1.45 -22.01
CA PHE A 74 -3.70 0.21 -21.24
C PHE A 74 -4.87 -0.68 -21.65
N ARG A 75 -5.98 -0.11 -22.13
CA ARG A 75 -7.01 -0.92 -22.74
C ARG A 75 -6.46 -1.72 -23.92
N VAL A 76 -5.56 -1.11 -24.70
CA VAL A 76 -5.00 -1.79 -25.86
C VAL A 76 -3.95 -2.82 -25.44
N ASN A 77 -3.21 -2.55 -24.35
CA ASN A 77 -2.22 -3.53 -23.87
C ASN A 77 -2.89 -4.80 -23.38
N LEU A 78 -4.07 -4.69 -22.78
CA LEU A 78 -4.79 -5.88 -22.36
C LEU A 78 -5.13 -6.78 -23.55
N ASN A 79 -5.51 -6.18 -24.69
CA ASN A 79 -5.79 -6.99 -25.86
C ASN A 79 -4.52 -7.51 -26.53
N THR A 80 -3.45 -6.72 -26.51
CA THR A 80 -2.18 -7.16 -27.05
C THR A 80 -1.61 -8.35 -26.27
N ALA A 81 -1.67 -8.28 -24.94
CA ALA A 81 -1.18 -9.40 -24.12
C ALA A 81 -1.94 -10.68 -24.42
N LEU A 82 -3.23 -10.59 -24.74
CA LEU A 82 -3.98 -11.78 -25.16
C LEU A 82 -3.34 -12.42 -26.39
N ARG A 83 -2.89 -11.60 -27.35
CA ARG A 83 -2.28 -12.13 -28.55
C ARG A 83 -0.89 -12.72 -28.27
N TYR A 84 -0.07 -12.04 -27.47
CA TYR A 84 1.26 -12.57 -27.15
C TYR A 84 1.18 -13.89 -26.39
N TYR A 85 0.23 -14.04 -25.48
CA TYR A 85 0.14 -15.25 -24.67
C TYR A 85 -0.86 -16.25 -25.21
N ASN A 86 -1.50 -15.96 -26.33
CA ASN A 86 -2.42 -16.89 -26.97
C ASN A 86 -3.55 -17.30 -26.03
N GLN A 87 -4.18 -16.31 -25.40
CA GLN A 87 -5.26 -16.57 -24.48
C GLN A 87 -6.60 -16.19 -25.12
N SER A 88 -7.66 -16.77 -24.58
CA SER A 88 -8.99 -16.51 -25.10
C SER A 88 -9.50 -15.16 -24.62
N ALA A 89 -10.56 -14.68 -25.27
CA ALA A 89 -11.22 -13.45 -24.86
C ALA A 89 -12.12 -13.64 -23.64
N ALA A 90 -12.17 -14.82 -23.03
CA ALA A 90 -13.25 -15.10 -22.08
C ALA A 90 -12.97 -14.60 -20.68
N GLY A 91 -11.71 -14.66 -20.21
CA GLY A 91 -11.41 -14.37 -18.83
C GLY A 91 -10.94 -12.93 -18.56
N SER A 92 -11.11 -12.50 -17.31
CA SER A 92 -10.53 -11.24 -16.85
C SER A 92 -9.01 -11.36 -16.65
N HIS A 93 -8.28 -10.29 -17.00
CA HIS A 93 -6.82 -10.21 -16.82
C HIS A 93 -6.40 -8.87 -16.27
N THR A 94 -5.16 -8.80 -15.77
CA THR A 94 -4.63 -7.61 -15.09
C THR A 94 -3.34 -7.13 -15.76
N PHE A 95 -3.21 -5.83 -15.94
CA PHE A 95 -1.96 -5.21 -16.35
C PHE A 95 -1.63 -4.06 -15.38
N GLN A 96 -0.41 -4.07 -14.85
CA GLN A 96 0.05 -3.08 -13.89
C GLN A 96 1.38 -2.48 -14.32
N THR A 97 1.62 -1.25 -13.89
CA THR A 97 2.93 -0.63 -13.97
C THR A 97 3.16 0.20 -12.71
N MET A 98 4.44 0.29 -12.33
CA MET A 98 4.85 1.16 -11.25
C MET A 98 6.20 1.78 -11.61
N PHE A 99 6.39 3.01 -11.16
CA PHE A 99 7.53 3.82 -11.53
C PHE A 99 7.59 4.94 -10.50
N GLY A 100 8.78 5.51 -10.35
CA GLY A 100 9.00 6.59 -9.40
C GLY A 100 10.47 6.93 -9.34
N CYS A 101 10.76 8.01 -8.62
CA CYS A 101 12.13 8.44 -8.42
C CYS A 101 12.37 8.67 -6.93
N GLU A 102 13.65 8.62 -6.56
CA GLU A 102 14.08 8.82 -5.19
C GLU A 102 15.08 9.97 -5.12
N VAL A 103 15.20 10.53 -3.92
CA VAL A 103 15.90 11.79 -3.73
C VAL A 103 16.48 11.79 -2.32
N TRP A 104 17.72 12.28 -2.18
CA TRP A 104 18.24 12.47 -0.83
C TRP A 104 17.47 13.60 -0.14
N ALA A 105 17.67 13.71 1.19
CA ALA A 105 16.99 14.75 1.95
C ALA A 105 17.34 16.16 1.46
N ASP A 106 18.47 16.34 0.80
CA ASP A 106 18.80 17.64 0.24
C ASP A 106 18.21 17.87 -1.15
N GLY A 107 17.48 16.89 -1.68
CA GLY A 107 16.83 17.04 -2.98
C GLY A 107 17.57 16.44 -4.16
N ARG A 108 18.66 15.73 -3.93
CA ARG A 108 19.45 15.23 -5.04
C ARG A 108 18.92 13.88 -5.49
N PHE A 109 18.82 13.71 -6.81
CA PHE A 109 18.35 12.45 -7.37
C PHE A 109 19.38 11.35 -7.18
N PHE A 110 18.92 10.11 -6.99
CA PHE A 110 19.84 8.98 -7.02
C PHE A 110 19.24 7.67 -7.56
N HIS A 111 17.91 7.54 -7.65
CA HIS A 111 17.34 6.29 -8.15
C HIS A 111 16.02 6.56 -8.88
N GLY A 112 15.81 5.85 -9.97
CA GLY A 112 14.52 5.84 -10.64
C GLY A 112 14.23 4.44 -11.13
N TYR A 113 12.94 4.11 -11.22
CA TYR A 113 12.60 2.76 -11.65
C TYR A 113 11.30 2.78 -12.44
N ARG A 114 11.07 1.67 -13.15
CA ARG A 114 9.94 1.51 -14.03
C ARG A 114 9.76 0.03 -14.27
N GLN A 115 8.60 -0.53 -13.90
CA GLN A 115 8.32 -1.95 -14.12
C GLN A 115 6.89 -2.14 -14.61
N TYR A 116 6.66 -3.30 -15.24
CA TYR A 116 5.37 -3.72 -15.80
C TYR A 116 5.08 -5.16 -15.42
N ALA A 117 3.81 -5.45 -15.13
CA ALA A 117 3.40 -6.81 -14.78
C ALA A 117 2.11 -7.19 -15.50
N TYR A 118 2.02 -8.47 -15.87
CA TYR A 118 0.82 -9.02 -16.47
C TYR A 118 0.35 -10.22 -15.65
N ASP A 119 -0.90 -10.17 -15.21
CA ASP A 119 -1.49 -11.17 -14.33
C ASP A 119 -0.64 -11.42 -13.09
N GLY A 120 -0.11 -10.35 -12.51
CA GLY A 120 0.59 -10.47 -11.26
C GLY A 120 2.03 -10.93 -11.36
N ALA A 121 2.54 -11.17 -12.56
CA ALA A 121 3.92 -11.61 -12.77
C ALA A 121 4.71 -10.57 -13.57
N ASP A 122 5.99 -10.41 -13.22
CA ASP A 122 6.92 -9.56 -13.97
C ASP A 122 6.69 -9.73 -15.45
N TYR A 123 6.54 -8.60 -16.15
CA TYR A 123 6.39 -8.59 -17.59
C TYR A 123 7.62 -8.02 -18.29
N ILE A 124 7.94 -6.75 -18.02
CA ILE A 124 9.15 -6.15 -18.56
C ILE A 124 9.53 -5.03 -17.61
N ALA A 125 10.83 -4.82 -17.44
CA ALA A 125 11.31 -3.77 -16.56
C ALA A 125 12.45 -3.00 -17.21
N LEU A 126 12.50 -1.71 -16.89
CA LEU A 126 13.68 -0.90 -17.20
C LEU A 126 14.86 -1.29 -16.29
N ASN A 127 16.04 -1.50 -16.90
CA ASN A 127 17.22 -1.93 -16.16
C ASN A 127 17.76 -0.79 -15.28
N GLU A 128 18.71 -1.14 -14.40
CA GLU A 128 19.24 -0.15 -13.45
C GLU A 128 19.89 1.03 -14.16
N ASP A 129 20.47 0.81 -15.35
CA ASP A 129 21.09 1.86 -16.14
C ASP A 129 20.09 2.78 -16.83
N LEU A 130 18.78 2.47 -16.75
CA LEU A 130 17.72 3.25 -17.38
C LEU A 130 17.93 3.40 -18.88
N ARG A 131 18.63 2.45 -19.50
CA ARG A 131 18.95 2.52 -20.92
C ARG A 131 18.67 1.22 -21.66
N SER A 132 18.09 0.22 -21.00
CA SER A 132 17.81 -1.07 -21.63
C SER A 132 16.66 -1.75 -20.89
N TRP A 133 16.12 -2.79 -21.52
CA TRP A 133 14.96 -3.48 -21.00
C TRP A 133 15.31 -4.92 -20.64
N THR A 134 14.62 -5.46 -19.64
CA THR A 134 14.65 -6.90 -19.34
C THR A 134 13.25 -7.47 -19.48
N ALA A 135 13.09 -8.39 -20.43
CA ALA A 135 11.82 -9.10 -20.65
C ALA A 135 11.81 -10.40 -19.87
N ALA A 136 10.68 -10.68 -19.21
CA ALA A 136 10.60 -11.83 -18.30
C ALA A 136 10.33 -13.14 -19.00
N ASP A 137 9.89 -13.13 -20.25
CA ASP A 137 9.62 -14.38 -20.97
C ASP A 137 9.64 -14.08 -22.47
N THR A 138 9.33 -15.10 -23.28
CA THR A 138 9.40 -14.90 -24.72
C THR A 138 8.24 -14.04 -25.22
N ALA A 139 7.10 -14.08 -24.53
CA ALA A 139 6.01 -13.16 -24.90
C ALA A 139 6.43 -11.72 -24.72
N ALA A 140 7.00 -11.39 -23.56
CA ALA A 140 7.46 -10.03 -23.32
C ALA A 140 8.58 -9.61 -24.25
N GLN A 141 9.23 -10.55 -24.93
CA GLN A 141 10.34 -10.20 -25.81
C GLN A 141 9.86 -9.42 -27.03
N ASN A 142 8.61 -9.61 -27.45
CA ASN A 142 8.05 -8.73 -28.48
C ASN A 142 8.16 -7.28 -28.05
N THR A 143 7.70 -6.98 -26.83
CA THR A 143 7.78 -5.61 -26.31
C THR A 143 9.22 -5.14 -26.20
N GLN A 144 10.16 -6.06 -25.94
CA GLN A 144 11.56 -5.62 -25.82
C GLN A 144 12.10 -5.15 -27.17
N ARG A 145 11.88 -5.94 -28.22
CA ARG A 145 12.32 -5.52 -29.54
C ARG A 145 11.67 -4.19 -29.93
N LYS A 146 10.35 -4.08 -29.79
CA LYS A 146 9.64 -2.86 -30.20
C LYS A 146 10.17 -1.62 -29.48
N TRP A 147 10.39 -1.72 -28.17
CA TRP A 147 10.79 -0.55 -27.40
C TRP A 147 12.26 -0.20 -27.58
N GLU A 148 13.10 -1.18 -27.95
CA GLU A 148 14.49 -0.86 -28.26
C GLU A 148 14.58 -0.14 -29.61
N ALA A 149 13.88 -0.65 -30.61
CA ALA A 149 13.89 -0.02 -31.93
C ALA A 149 13.42 1.43 -31.88
N ALA A 150 12.47 1.76 -30.99
CA ALA A 150 11.87 3.08 -30.95
C ALA A 150 12.46 3.98 -29.87
N GLY A 151 13.49 3.53 -29.16
CA GLY A 151 14.19 4.38 -28.20
C GLY A 151 13.40 4.81 -26.99
N GLU A 152 12.53 3.93 -26.47
CA GLU A 152 11.65 4.33 -25.37
C GLU A 152 12.41 4.56 -24.07
N ALA A 153 13.51 3.82 -23.86
CA ALA A 153 14.26 3.98 -22.61
C ALA A 153 14.68 5.43 -22.38
N GLU A 154 15.12 6.12 -23.44
CA GLU A 154 15.55 7.51 -23.29
C GLU A 154 14.40 8.39 -22.80
N ARG A 155 13.22 8.26 -23.45
CA ARG A 155 12.05 9.03 -23.00
C ARG A 155 11.69 8.67 -21.56
N HIS A 156 11.80 7.39 -21.20
CA HIS A 156 11.50 6.98 -19.83
C HIS A 156 12.55 7.53 -18.87
N ARG A 157 13.82 7.50 -19.28
CA ARG A 157 14.88 8.04 -18.43
C ARG A 157 14.72 9.54 -18.25
N ALA A 158 14.41 10.25 -19.33
CA ALA A 158 14.21 11.69 -19.26
C ALA A 158 13.14 12.04 -18.24
N TYR A 159 12.00 11.36 -18.30
CA TYR A 159 10.93 11.64 -17.35
C TYR A 159 11.38 11.36 -15.91
N LEU A 160 12.02 10.20 -15.69
CA LEU A 160 12.38 9.83 -14.32
C LEU A 160 13.47 10.72 -13.74
N GLU A 161 14.41 11.21 -14.57
CA GLU A 161 15.48 12.08 -14.08
C GLU A 161 15.08 13.55 -14.00
N ARG A 162 14.25 14.06 -14.92
CA ARG A 162 13.91 15.48 -14.84
C ARG A 162 12.53 15.74 -14.23
N GLU A 163 11.46 15.46 -14.98
CA GLU A 163 10.12 15.84 -14.52
C GLU A 163 9.77 15.22 -13.17
N CYS A 164 10.12 13.94 -12.96
CA CYS A 164 9.74 13.27 -11.72
C CYS A 164 10.36 13.95 -10.50
N VAL A 165 11.68 14.19 -10.53
CA VAL A 165 12.33 14.79 -9.36
C VAL A 165 11.91 16.25 -9.21
N GLU A 166 11.84 16.99 -10.31
CA GLU A 166 11.37 18.37 -10.25
C GLU A 166 10.05 18.47 -9.50
N TRP A 167 9.10 17.58 -9.81
CA TRP A 167 7.81 17.65 -9.16
C TRP A 167 7.82 17.06 -7.76
N LEU A 168 8.60 15.99 -7.53
CA LEU A 168 8.78 15.53 -6.15
C LEU A 168 9.31 16.66 -5.28
N ARG A 169 10.23 17.46 -5.82
CA ARG A 169 10.74 18.58 -5.03
C ARG A 169 9.63 19.60 -4.76
N ARG A 170 8.79 19.90 -5.76
CA ARG A 170 7.71 20.86 -5.51
C ARG A 170 6.69 20.31 -4.51
N TYR A 171 6.32 19.02 -4.62
CA TYR A 171 5.28 18.49 -3.75
C TYR A 171 5.74 18.50 -2.29
N LEU A 172 7.00 18.14 -2.05
CA LEU A 172 7.58 18.23 -0.71
C LEU A 172 7.51 19.65 -0.17
N GLU A 173 7.79 20.65 -1.01
CA GLU A 173 7.62 22.04 -0.58
C GLU A 173 6.15 22.33 -0.26
N MET A 174 5.23 21.93 -1.14
CA MET A 174 3.82 22.20 -0.89
C MET A 174 3.36 21.62 0.45
N GLY A 175 3.77 20.39 0.74
CA GLY A 175 3.29 19.74 1.95
C GLY A 175 4.29 19.66 3.07
N LYS A 176 5.23 20.62 3.14
CA LYS A 176 6.30 20.58 4.13
C LYS A 176 5.76 20.50 5.55
N GLU A 177 4.65 21.21 5.82
CA GLU A 177 4.07 21.23 7.17
C GLU A 177 3.69 19.85 7.67
N THR A 178 3.47 18.91 6.76
CA THR A 178 3.03 17.57 7.12
C THR A 178 3.96 16.47 6.62
N LEU A 179 4.54 16.63 5.42
CA LEU A 179 5.39 15.59 4.87
C LEU A 179 6.78 15.57 5.48
N GLN A 180 7.22 16.67 6.09
CA GLN A 180 8.58 16.75 6.58
C GLN A 180 8.66 16.87 8.08
N ARG A 181 7.52 16.77 8.79
CA ARG A 181 7.46 16.70 10.25
C ARG A 181 7.04 15.29 10.63
N ALA A 182 8.00 14.48 11.06
CA ALA A 182 7.69 13.15 11.57
C ALA A 182 6.79 13.22 12.79
N ASP A 183 5.83 12.30 12.88
CA ASP A 183 5.00 12.16 14.06
C ASP A 183 5.50 10.95 14.84
N PRO A 184 6.00 11.13 16.07
CA PRO A 184 6.58 10.00 16.79
C PRO A 184 5.50 9.01 17.20
N PRO A 185 5.86 7.74 17.37
CA PRO A 185 4.87 6.76 17.86
C PRO A 185 4.55 7.00 19.33
N LYS A 186 3.36 6.56 19.72
CA LYS A 186 2.96 6.46 21.13
C LYS A 186 3.01 4.98 21.48
N ALA A 187 3.91 4.61 22.38
CA ALA A 187 4.20 3.21 22.70
C ALA A 187 3.69 2.83 24.10
N HIS A 188 3.19 1.61 24.21
CA HIS A 188 2.80 1.04 25.49
C HIS A 188 2.93 -0.48 25.40
N VAL A 189 2.96 -1.14 26.55
CA VAL A 189 3.11 -2.59 26.63
C VAL A 189 1.89 -3.15 27.35
N THR A 190 1.42 -4.30 26.91
CA THR A 190 0.28 -4.97 27.52
C THR A 190 0.65 -6.38 27.93
N HIS A 191 -0.10 -6.91 28.90
CA HIS A 191 0.18 -8.18 29.57
C HIS A 191 -1.02 -9.10 29.41
N HIS A 192 -0.84 -10.23 28.76
CA HIS A 192 -1.97 -11.17 28.73
C HIS A 192 -1.54 -12.61 28.97
N PRO A 193 -2.03 -13.25 30.07
CA PRO A 193 -1.72 -14.66 30.34
C PRO A 193 -1.79 -15.56 29.11
N ALA A 194 -0.63 -16.07 28.67
CA ALA A 194 -0.60 -17.01 27.55
C ALA A 194 -0.91 -18.44 28.03
N SER A 195 0.04 -19.05 28.76
CA SER A 195 -0.13 -20.38 29.30
C SER A 195 -0.38 -20.29 30.82
N ASP A 196 -0.26 -21.42 31.51
CA ASP A 196 -0.38 -21.44 32.96
C ASP A 196 0.85 -20.85 33.62
N ARG A 197 2.03 -21.13 33.03
CA ARG A 197 3.31 -20.63 33.51
C ARG A 197 3.85 -19.45 32.70
N GLU A 198 3.22 -19.11 31.58
CA GLU A 198 3.79 -18.14 30.66
C GLU A 198 2.81 -16.98 30.42
N ALA A 199 3.39 -15.85 30.02
CA ALA A 199 2.64 -14.65 29.67
C ALA A 199 3.14 -14.10 28.33
N THR A 200 2.27 -13.34 27.65
CA THR A 200 2.61 -12.64 26.43
C THR A 200 2.79 -11.16 26.73
N LEU A 201 3.95 -10.61 26.36
CA LEU A 201 4.21 -9.19 26.42
C LEU A 201 4.06 -8.62 25.01
N ARG A 202 3.15 -7.66 24.85
CA ARG A 202 2.91 -7.03 23.55
C ARG A 202 3.34 -5.58 23.62
N CYS A 203 4.23 -5.18 22.72
CA CYS A 203 4.74 -3.81 22.66
C CYS A 203 4.10 -3.09 21.47
N TRP A 204 3.27 -2.08 21.76
CA TRP A 204 2.43 -1.41 20.78
C TRP A 204 3.04 -0.08 20.37
N ALA A 205 3.03 0.21 19.07
CA ALA A 205 3.38 1.55 18.61
C ALA A 205 2.29 2.07 17.69
N LEU A 206 1.68 3.20 18.05
CA LEU A 206 0.55 3.75 17.31
C LEU A 206 0.81 5.19 16.90
N GLY A 207 0.09 5.64 15.88
CA GLY A 207 0.03 7.04 15.51
C GLY A 207 1.31 7.63 14.98
N PHE A 208 2.16 6.85 14.31
CA PHE A 208 3.43 7.37 13.84
C PHE A 208 3.45 7.54 12.32
N TYR A 209 4.29 8.47 11.86
CA TYR A 209 4.52 8.76 10.46
C TYR A 209 5.97 9.23 10.34
N PRO A 210 6.73 8.78 9.33
CA PRO A 210 6.41 7.81 8.28
C PRO A 210 6.35 6.37 8.79
N ALA A 211 6.23 5.43 7.84
CA ALA A 211 5.93 4.04 8.19
C ALA A 211 7.14 3.27 8.70
N GLU A 212 8.37 3.66 8.35
CA GLU A 212 9.54 2.90 8.78
C GLU A 212 9.72 2.98 10.29
N ILE A 213 9.90 1.82 10.92
CA ILE A 213 10.00 1.76 12.38
C ILE A 213 10.77 0.49 12.76
N SER A 214 11.45 0.54 13.91
CA SER A 214 12.11 -0.62 14.52
C SER A 214 11.49 -0.90 15.87
N LEU A 215 10.92 -2.10 16.03
CA LEU A 215 10.30 -2.55 17.28
C LEU A 215 10.94 -3.87 17.64
N THR A 216 11.74 -3.90 18.70
CA THR A 216 12.44 -5.12 19.06
C THR A 216 12.30 -5.39 20.55
N TRP A 217 12.22 -6.68 20.89
CA TRP A 217 12.22 -7.13 22.27
C TRP A 217 13.62 -7.58 22.64
N GLN A 218 14.11 -7.10 23.78
CA GLN A 218 15.39 -7.54 24.31
C GLN A 218 15.19 -8.20 25.66
N ARG A 219 15.96 -9.25 25.92
CA ARG A 219 16.01 -9.86 27.24
C ARG A 219 17.40 -9.68 27.81
N ASP A 220 17.50 -8.93 28.91
CA ASP A 220 18.77 -8.60 29.56
C ASP A 220 19.69 -7.83 28.61
N GLY A 221 19.11 -6.98 27.76
CA GLY A 221 19.86 -6.17 26.83
C GLY A 221 20.27 -6.85 25.53
N GLU A 222 19.93 -8.12 25.34
CA GLU A 222 20.33 -8.87 24.16
C GLU A 222 19.15 -9.03 23.22
N ASP A 223 19.42 -9.17 21.93
CA ASP A 223 18.32 -9.28 20.98
C ASP A 223 17.63 -10.63 21.10
N GLN A 224 16.29 -10.59 21.10
CA GLN A 224 15.43 -11.76 21.22
C GLN A 224 14.79 -12.13 19.89
N THR A 225 15.54 -11.98 18.80
CA THR A 225 14.93 -11.89 17.48
C THR A 225 14.16 -13.17 17.10
N GLN A 226 14.62 -14.35 17.53
CA GLN A 226 13.98 -15.57 17.07
C GLN A 226 12.58 -15.74 17.65
N ASP A 227 12.35 -15.31 18.91
CA ASP A 227 11.14 -15.64 19.64
C ASP A 227 10.10 -14.52 19.66
N THR A 228 10.26 -13.48 18.83
CA THR A 228 9.26 -12.43 18.72
C THR A 228 8.29 -12.71 17.57
N GLU A 229 7.01 -12.43 17.82
CA GLU A 229 6.00 -12.32 16.78
C GLU A 229 5.76 -10.85 16.48
N LEU A 230 5.62 -10.53 15.20
CA LEU A 230 5.67 -9.12 14.77
C LEU A 230 4.72 -8.94 13.60
N VAL A 231 3.68 -8.13 13.79
CA VAL A 231 2.68 -7.93 12.74
C VAL A 231 3.20 -6.95 11.71
N GLU A 232 2.75 -7.14 10.47
CA GLU A 232 3.04 -6.21 9.40
C GLU A 232 2.52 -4.83 9.76
N THR A 233 3.29 -3.80 9.43
CA THR A 233 2.83 -2.45 9.68
C THR A 233 1.53 -2.18 8.94
N ARG A 234 0.61 -1.51 9.61
CA ARG A 234 -0.72 -1.35 9.06
C ARG A 234 -1.18 0.09 9.18
N PRO A 235 -2.06 0.55 8.30
CA PRO A 235 -2.52 1.95 8.38
C PRO A 235 -3.51 2.18 9.51
N GLY A 236 -3.37 3.32 10.17
CA GLY A 236 -4.37 3.71 11.16
C GLY A 236 -5.68 4.19 10.55
N GLY A 237 -5.64 4.67 9.29
CA GLY A 237 -6.78 5.27 8.65
C GLY A 237 -6.74 6.78 8.58
N ASP A 238 -5.98 7.44 9.47
CA ASP A 238 -5.83 8.88 9.53
C ASP A 238 -4.53 9.37 8.89
N GLY A 239 -3.85 8.52 8.13
CA GLY A 239 -2.53 8.84 7.65
C GLY A 239 -1.40 8.43 8.58
N THR A 240 -1.70 7.86 9.75
CA THR A 240 -0.66 7.33 10.63
C THR A 240 -0.60 5.81 10.50
N PHE A 241 0.47 5.23 11.04
CA PHE A 241 0.73 3.80 10.94
C PHE A 241 0.79 3.17 12.33
N GLN A 242 0.70 1.84 12.38
CA GLN A 242 0.76 1.08 13.63
C GLN A 242 1.50 -0.22 13.40
N LYS A 243 2.15 -0.70 14.47
CA LYS A 243 2.83 -1.98 14.51
C LYS A 243 2.82 -2.48 15.96
N TRP A 244 2.95 -3.80 16.14
CA TRP A 244 3.27 -4.34 17.48
C TRP A 244 4.17 -5.56 17.37
N ALA A 245 4.86 -5.82 18.49
CA ALA A 245 5.78 -6.94 18.66
C ALA A 245 5.47 -7.65 19.97
N ALA A 246 5.44 -8.98 19.92
CA ALA A 246 5.06 -9.77 21.08
C ALA A 246 6.12 -10.84 21.36
N VAL A 247 6.18 -11.28 22.61
CA VAL A 247 7.09 -12.32 23.04
C VAL A 247 6.48 -13.04 24.22
N VAL A 248 6.72 -14.36 24.30
CA VAL A 248 6.20 -15.19 25.38
C VAL A 248 7.32 -15.41 26.40
N VAL A 249 7.01 -15.18 27.67
CA VAL A 249 8.02 -15.19 28.73
C VAL A 249 7.55 -16.08 29.88
N PRO A 250 8.46 -16.69 30.63
CA PRO A 250 8.06 -17.39 31.86
C PRO A 250 7.54 -16.43 32.92
N SER A 251 6.54 -16.90 33.68
CA SER A 251 5.87 -16.01 34.63
C SER A 251 6.81 -15.59 35.75
N GLY A 252 6.74 -14.32 36.09
CA GLY A 252 7.66 -13.73 37.04
C GLY A 252 8.91 -13.18 36.41
N GLU A 253 9.26 -13.64 35.20
CA GLU A 253 10.46 -13.21 34.50
C GLU A 253 10.27 -11.91 33.71
N GLU A 254 9.11 -11.26 33.86
CA GLU A 254 8.77 -10.09 33.07
C GLU A 254 9.88 -9.05 33.09
N GLN A 255 10.41 -8.75 34.28
CA GLN A 255 11.39 -7.68 34.41
C GLN A 255 12.65 -7.90 33.57
N ARG A 256 12.90 -9.12 33.09
CA ARG A 256 14.07 -9.36 32.25
C ARG A 256 13.93 -8.71 30.87
N TYR A 257 12.70 -8.39 30.44
CA TYR A 257 12.41 -8.08 29.06
C TYR A 257 12.16 -6.59 28.86
N THR A 258 12.73 -6.07 27.77
CA THR A 258 12.62 -4.65 27.46
C THR A 258 12.28 -4.49 25.97
N CYS A 259 11.53 -3.41 25.65
CA CYS A 259 11.11 -3.12 24.28
C CYS A 259 11.76 -1.83 23.78
N ARG A 260 12.43 -1.92 22.63
CA ARG A 260 13.13 -0.78 22.04
C ARG A 260 12.39 -0.31 20.79
N VAL A 261 12.15 1.00 20.70
CA VAL A 261 11.35 1.62 19.65
C VAL A 261 12.22 2.70 19.02
N GLN A 262 12.77 2.43 17.85
CA GLN A 262 13.48 3.46 17.08
C GLN A 262 12.57 3.99 15.98
N HIS A 263 12.39 5.31 15.95
CA HIS A 263 11.60 5.92 14.89
C HIS A 263 12.16 7.31 14.62
N GLU A 264 12.04 7.73 13.35
CA GLU A 264 12.59 9.01 12.93
C GLU A 264 12.09 10.16 13.80
N GLY A 265 10.84 10.10 14.24
CA GLY A 265 10.32 11.16 15.08
C GLY A 265 10.71 11.11 16.54
N LEU A 266 11.53 10.14 16.97
CA LEU A 266 11.95 10.04 18.36
C LEU A 266 13.35 10.63 18.51
N PRO A 267 13.54 11.63 19.38
CA PRO A 267 14.90 12.13 19.64
C PRO A 267 15.88 11.02 19.98
N GLU A 268 15.49 10.10 20.85
CA GLU A 268 16.25 8.92 21.20
C GLU A 268 15.30 7.74 21.23
N PRO A 269 15.81 6.52 21.09
CA PRO A 269 14.92 5.35 21.18
C PRO A 269 14.19 5.32 22.50
N LEU A 270 12.89 5.02 22.43
CA LEU A 270 12.15 4.68 23.63
C LEU A 270 12.60 3.30 24.12
N THR A 271 12.63 3.13 25.43
CA THR A 271 12.85 1.83 26.05
C THR A 271 11.75 1.64 27.08
N LEU A 272 11.00 0.54 26.96
CA LEU A 272 9.85 0.30 27.83
C LEU A 272 9.92 -1.10 28.42
N THR A 273 9.25 -1.26 29.56
CA THR A 273 9.07 -2.53 30.25
C THR A 273 7.58 -2.68 30.59
N TRP A 274 7.19 -3.89 31.01
CA TRP A 274 5.82 -4.12 31.48
C TRP A 274 5.37 -3.03 32.47
N MET B 1 -1.89 -17.71 -14.62
CA MET B 1 -1.63 -16.48 -13.88
C MET B 1 -1.14 -16.78 -12.45
N ILE B 2 -0.75 -15.74 -11.76
CA ILE B 2 -0.41 -15.78 -10.34
C ILE B 2 -1.66 -15.46 -9.53
N GLN B 3 -1.90 -16.24 -8.48
CA GLN B 3 -3.00 -15.93 -7.57
C GLN B 3 -2.49 -15.99 -6.15
N ARG B 4 -2.75 -14.94 -5.38
CA ARG B 4 -2.26 -14.85 -4.02
C ARG B 4 -3.43 -14.59 -3.09
N THR B 5 -3.42 -15.22 -1.90
CA THR B 5 -4.58 -15.13 -1.02
C THR B 5 -4.43 -13.97 -0.04
N PRO B 6 -5.48 -13.24 0.32
CA PRO B 6 -5.29 -12.06 1.14
C PRO B 6 -4.87 -12.38 2.57
N LYS B 7 -3.94 -11.56 3.10
CA LYS B 7 -3.77 -11.42 4.53
C LYS B 7 -4.79 -10.41 5.06
N ILE B 8 -5.31 -10.69 6.24
CA ILE B 8 -6.39 -9.92 6.86
C ILE B 8 -5.97 -9.57 8.27
N GLN B 9 -6.01 -8.28 8.61
CA GLN B 9 -5.82 -7.84 9.99
C GLN B 9 -7.02 -6.97 10.33
N VAL B 10 -7.68 -7.26 11.44
CA VAL B 10 -8.76 -6.41 11.93
C VAL B 10 -8.31 -5.77 13.24
N TYR B 11 -8.60 -4.49 13.40
CA TYR B 11 -8.10 -3.72 14.54
C TYR B 11 -8.83 -2.39 14.57
N SER B 12 -8.67 -1.68 15.68
CA SER B 12 -9.21 -0.34 15.86
C SER B 12 -8.11 0.70 15.64
N ARG B 13 -8.52 1.88 15.19
CA ARG B 13 -7.55 2.97 14.97
C ARG B 13 -6.92 3.40 16.29
N HIS B 14 -7.72 3.67 17.31
CA HIS B 14 -7.17 4.01 18.64
C HIS B 14 -7.41 2.86 19.62
N PRO B 15 -6.59 2.73 20.67
CA PRO B 15 -6.84 1.66 21.65
C PRO B 15 -8.27 1.73 22.17
N ALA B 16 -8.94 0.57 22.16
CA ALA B 16 -10.37 0.50 22.42
C ALA B 16 -10.70 0.87 23.86
N GLU B 17 -11.83 1.55 24.03
CA GLU B 17 -12.32 1.90 25.36
C GLU B 17 -13.83 2.08 25.27
N ASN B 18 -14.57 1.29 26.04
CA ASN B 18 -16.01 1.19 25.85
C ASN B 18 -16.68 2.56 25.91
N GLY B 19 -17.57 2.81 24.94
CA GLY B 19 -18.37 4.02 24.94
C GLY B 19 -17.73 5.21 24.25
N LYS B 20 -16.44 5.17 23.93
CA LYS B 20 -15.80 6.25 23.19
C LYS B 20 -15.76 5.90 21.71
N SER B 21 -15.92 6.90 20.84
CA SER B 21 -16.00 6.66 19.40
C SER B 21 -14.61 6.33 18.83
N ASN B 22 -14.62 5.61 17.72
CA ASN B 22 -13.43 4.94 17.19
C ASN B 22 -13.67 4.58 15.72
N PHE B 23 -12.67 3.97 15.10
CA PHE B 23 -12.76 3.48 13.73
C PHE B 23 -12.34 2.03 13.72
N LEU B 24 -13.24 1.14 13.29
CA LEU B 24 -12.90 -0.25 13.09
C LEU B 24 -12.27 -0.42 11.71
N ASN B 25 -11.11 -1.08 11.67
CA ASN B 25 -10.34 -1.27 10.44
C ASN B 25 -10.26 -2.75 10.05
N CYS B 26 -10.34 -3.01 8.74
CA CYS B 26 -10.02 -4.33 8.19
C CYS B 26 -9.05 -4.13 7.05
N TYR B 27 -7.78 -4.44 7.28
CA TYR B 27 -6.71 -4.23 6.30
C TYR B 27 -6.47 -5.54 5.57
N VAL B 28 -6.76 -5.56 4.27
CA VAL B 28 -6.51 -6.74 3.43
C VAL B 28 -5.33 -6.44 2.52
N SER B 29 -4.37 -7.34 2.48
CA SER B 29 -3.17 -7.13 1.68
C SER B 29 -2.67 -8.44 1.08
N GLY B 30 -1.65 -8.29 0.24
CA GLY B 30 -0.99 -9.39 -0.41
C GLY B 30 -1.82 -10.23 -1.35
N PHE B 31 -2.92 -9.70 -1.89
CA PHE B 31 -3.76 -10.54 -2.75
C PHE B 31 -3.60 -10.16 -4.22
N HIS B 32 -4.02 -11.10 -5.08
CA HIS B 32 -4.00 -11.07 -6.55
C HIS B 32 -4.89 -12.20 -7.06
N PRO B 33 -5.79 -11.94 -8.03
CA PRO B 33 -6.08 -10.62 -8.61
C PRO B 33 -6.85 -9.71 -7.65
N SER B 34 -7.39 -8.60 -8.19
CA SER B 34 -7.79 -7.50 -7.32
C SER B 34 -9.28 -7.49 -6.97
N ASP B 35 -10.12 -8.25 -7.66
CA ASP B 35 -11.50 -8.36 -7.22
C ASP B 35 -11.54 -9.01 -5.85
N ILE B 36 -12.26 -8.40 -4.91
CA ILE B 36 -12.35 -8.90 -3.55
C ILE B 36 -13.61 -8.32 -2.93
N GLU B 37 -14.17 -9.01 -1.94
CA GLU B 37 -15.40 -8.55 -1.29
C GLU B 37 -15.16 -8.51 0.21
N VAL B 38 -15.33 -7.34 0.81
CA VAL B 38 -15.00 -7.14 2.22
C VAL B 38 -16.22 -6.57 2.93
N ASP B 39 -16.75 -7.31 3.89
CA ASP B 39 -17.85 -6.86 4.73
C ASP B 39 -17.32 -6.67 6.15
N LEU B 40 -17.79 -5.63 6.82
CA LEU B 40 -17.58 -5.45 8.24
C LEU B 40 -18.86 -5.88 8.96
N LEU B 41 -18.71 -6.68 10.03
CA LEU B 41 -19.84 -7.32 10.68
C LEU B 41 -19.97 -6.87 12.13
N LYS B 42 -21.22 -6.68 12.58
CA LYS B 42 -21.54 -6.41 13.98
C LYS B 42 -22.47 -7.51 14.47
N ASN B 43 -21.95 -8.40 15.32
CA ASN B 43 -22.71 -9.55 15.82
C ASN B 43 -23.21 -10.42 14.69
N GLY B 44 -22.37 -10.63 13.68
CA GLY B 44 -22.72 -11.42 12.51
C GLY B 44 -23.64 -10.76 11.52
N GLU B 45 -23.87 -9.44 11.62
CA GLU B 45 -24.72 -8.71 10.69
C GLU B 45 -23.91 -7.67 9.91
N ARG B 46 -24.14 -7.61 8.60
CA ARG B 46 -23.41 -6.68 7.75
C ARG B 46 -23.67 -5.24 8.14
N ILE B 47 -22.58 -4.45 8.31
CA ILE B 47 -22.68 -3.03 8.62
C ILE B 47 -22.82 -2.26 7.32
N GLU B 48 -23.81 -1.37 7.27
CA GLU B 48 -24.21 -0.75 6.01
C GLU B 48 -23.23 0.32 5.56
N LYS B 49 -22.84 1.23 6.45
CA LYS B 49 -21.89 2.28 6.09
C LYS B 49 -20.47 1.75 6.27
N VAL B 50 -19.75 1.61 5.16
CA VAL B 50 -18.37 1.14 5.14
C VAL B 50 -17.67 1.79 3.96
N GLU B 51 -16.48 2.33 4.20
CA GLU B 51 -15.69 2.96 3.15
C GLU B 51 -14.36 2.25 3.02
N HIS B 52 -13.66 2.51 1.91
CA HIS B 52 -12.37 1.89 1.69
C HIS B 52 -11.41 2.85 1.00
N SER B 53 -10.12 2.60 1.19
CA SER B 53 -9.09 3.37 0.52
C SER B 53 -9.04 2.97 -0.95
N ASP B 54 -8.25 3.72 -1.72
CA ASP B 54 -8.08 3.44 -3.14
C ASP B 54 -7.12 2.27 -3.35
N LEU B 55 -7.40 1.50 -4.40
CA LEU B 55 -6.67 0.27 -4.67
C LEU B 55 -5.22 0.58 -5.02
N SER B 56 -4.31 0.02 -4.25
CA SER B 56 -2.88 0.23 -4.44
C SER B 56 -2.22 -1.14 -4.39
N PHE B 57 -0.90 -1.19 -4.61
CA PHE B 57 -0.21 -2.47 -4.58
C PHE B 57 1.26 -2.28 -4.19
N SER B 58 1.90 -3.40 -3.88
CA SER B 58 3.23 -3.51 -3.29
C SER B 58 4.29 -3.83 -4.32
N LYS B 59 5.54 -3.95 -3.85
CA LYS B 59 6.67 -4.18 -4.76
C LYS B 59 6.60 -5.56 -5.40
N ASP B 60 5.95 -6.52 -4.75
CA ASP B 60 5.75 -7.82 -5.39
C ASP B 60 4.48 -7.88 -6.26
N TRP B 61 3.80 -6.74 -6.46
CA TRP B 61 2.66 -6.52 -7.36
C TRP B 61 1.31 -6.79 -6.68
N SER B 62 1.29 -7.33 -5.47
CA SER B 62 0.03 -7.72 -4.86
C SER B 62 -0.67 -6.52 -4.23
N PHE B 63 -2.00 -6.58 -4.24
CA PHE B 63 -2.85 -5.46 -3.86
C PHE B 63 -3.08 -5.39 -2.36
N TYR B 64 -3.41 -4.18 -1.87
CA TYR B 64 -3.84 -3.96 -0.50
C TYR B 64 -4.88 -2.85 -0.45
N LEU B 65 -5.73 -2.90 0.57
CA LEU B 65 -6.88 -2.03 0.75
C LEU B 65 -7.17 -1.95 2.24
N LEU B 66 -7.68 -0.81 2.68
CA LEU B 66 -8.22 -0.66 4.03
C LEU B 66 -9.71 -0.45 3.91
N TYR B 67 -10.51 -1.25 4.64
CA TYR B 67 -11.93 -0.99 4.82
C TYR B 67 -12.16 -0.52 6.25
N TYR B 68 -13.05 0.44 6.45
CA TYR B 68 -13.21 1.03 7.78
C TYR B 68 -14.59 1.64 7.95
N THR B 69 -14.96 1.83 9.21
CA THR B 69 -16.23 2.48 9.55
C THR B 69 -16.15 2.97 10.99
N GLU B 70 -16.81 4.10 11.25
CA GLU B 70 -16.93 4.57 12.62
C GLU B 70 -17.70 3.56 13.45
N PHE B 71 -17.30 3.42 14.71
CA PHE B 71 -18.06 2.62 15.66
C PHE B 71 -17.70 3.02 17.09
N THR B 72 -18.54 2.60 18.02
CA THR B 72 -18.34 2.81 19.45
C THR B 72 -18.32 1.44 20.11
N PRO B 73 -17.15 0.93 20.47
CA PRO B 73 -17.10 -0.40 21.09
C PRO B 73 -17.84 -0.40 22.41
N THR B 74 -18.54 -1.50 22.68
CA THR B 74 -19.10 -1.78 23.98
C THR B 74 -18.48 -3.09 24.45
N GLU B 75 -18.87 -3.56 25.64
CA GLU B 75 -18.23 -4.76 26.13
C GLU B 75 -18.74 -6.02 25.44
N LYS B 76 -20.02 -6.06 25.06
CA LYS B 76 -20.59 -7.31 24.54
C LYS B 76 -20.86 -7.30 23.03
N ASP B 77 -20.73 -6.15 22.38
CA ASP B 77 -20.74 -6.10 20.92
C ASP B 77 -19.45 -6.68 20.36
N GLU B 78 -19.57 -7.67 19.47
CA GLU B 78 -18.41 -8.27 18.82
C GLU B 78 -18.38 -7.90 17.34
N TYR B 79 -17.21 -7.47 16.87
CA TYR B 79 -17.04 -7.06 15.48
C TYR B 79 -16.10 -8.02 14.76
N ALA B 80 -16.40 -8.23 13.47
CA ALA B 80 -15.63 -9.12 12.61
C ALA B 80 -15.45 -8.48 11.23
N CYS B 81 -14.54 -9.07 10.48
CA CYS B 81 -14.32 -8.76 9.06
C CYS B 81 -14.56 -10.03 8.24
N ARG B 82 -15.31 -9.91 7.14
CA ARG B 82 -15.59 -11.07 6.29
C ARG B 82 -15.09 -10.82 4.87
N VAL B 83 -14.19 -11.68 4.39
CA VAL B 83 -13.50 -11.46 3.13
C VAL B 83 -13.82 -12.59 2.18
N ASN B 84 -14.06 -12.23 0.92
CA ASN B 84 -14.20 -13.22 -0.12
C ASN B 84 -13.30 -12.90 -1.31
N HIS B 85 -12.76 -13.97 -1.91
CA HIS B 85 -11.70 -13.84 -2.91
C HIS B 85 -11.62 -15.16 -3.67
N VAL B 86 -11.18 -15.08 -4.94
CA VAL B 86 -11.16 -16.28 -5.77
C VAL B 86 -10.29 -17.39 -5.17
N THR B 87 -9.27 -17.03 -4.37
CA THR B 87 -8.37 -17.98 -3.72
C THR B 87 -8.98 -18.66 -2.49
N LEU B 88 -10.16 -18.21 -2.05
CA LEU B 88 -10.83 -18.75 -0.87
C LEU B 88 -11.99 -19.63 -1.31
N SER B 89 -12.08 -20.84 -0.78
CA SER B 89 -13.22 -21.66 -1.18
C SER B 89 -14.49 -21.26 -0.45
N GLN B 90 -14.36 -20.47 0.62
CA GLN B 90 -15.50 -19.94 1.34
C GLN B 90 -15.04 -18.68 2.05
N PRO B 91 -15.96 -17.81 2.45
CA PRO B 91 -15.56 -16.53 3.07
C PRO B 91 -14.72 -16.73 4.34
N LYS B 92 -13.61 -15.99 4.42
CA LYS B 92 -12.80 -15.96 5.62
C LYS B 92 -13.33 -14.86 6.55
N ILE B 93 -13.59 -15.23 7.80
CA ILE B 93 -14.04 -14.31 8.84
C ILE B 93 -12.94 -14.17 9.87
N VAL B 94 -12.56 -12.94 10.18
CA VAL B 94 -11.55 -12.68 11.20
C VAL B 94 -12.21 -11.83 12.27
N LYS B 95 -12.22 -12.34 13.50
CA LYS B 95 -12.86 -11.65 14.61
C LYS B 95 -11.97 -10.52 15.14
N TRP B 96 -12.58 -9.40 15.47
CA TRP B 96 -11.85 -8.35 16.17
C TRP B 96 -11.52 -8.77 17.60
N ASP B 97 -10.26 -8.60 18.00
CA ASP B 97 -9.79 -8.84 19.36
C ASP B 97 -9.04 -7.57 19.78
N ARG B 98 -9.58 -6.83 20.76
CA ARG B 98 -9.01 -5.52 21.06
C ARG B 98 -7.58 -5.61 21.62
N ASP B 99 -7.08 -6.82 21.84
CA ASP B 99 -5.70 -7.03 22.32
C ASP B 99 -4.69 -7.24 21.19
N MET B 100 -5.14 -7.20 19.94
CA MET B 100 -4.27 -7.27 18.76
C MET B 100 -4.70 -6.32 17.62
N THR C 1 3.49 14.72 -11.17
CA THR C 1 2.91 15.05 -12.46
C THR C 1 3.15 13.91 -13.44
N LEU C 2 2.11 13.50 -14.14
CA LEU C 2 2.27 12.49 -15.18
C LEU C 2 2.46 13.17 -16.52
N ILE C 3 3.15 12.47 -17.42
CA ILE C 3 3.18 12.80 -18.84
C ILE C 3 2.67 11.58 -19.60
N ASP C 4 2.36 11.77 -20.88
CA ASP C 4 1.94 10.66 -21.74
C ASP C 4 3.18 10.11 -22.43
N LEU C 5 3.46 8.83 -22.21
CA LEU C 5 4.56 8.14 -22.86
C LEU C 5 4.11 7.16 -23.93
N THR C 6 2.79 7.06 -24.18
CA THR C 6 2.19 6.07 -25.10
C THR C 6 2.84 4.70 -24.95
N GLU C 7 2.63 4.06 -23.79
CA GLU C 7 3.33 2.82 -23.47
C GLU C 7 2.62 1.61 -24.09
N LEU C 8 2.51 1.61 -25.42
CA LEU C 8 1.91 0.46 -26.08
C LEU C 8 2.92 -0.70 -26.10
N ILE C 9 2.53 -1.83 -25.49
CA ILE C 9 3.36 -3.04 -25.50
C ILE C 9 3.20 -3.77 -26.81
#